data_4M5J
#
_entry.id   4M5J
#
_cell.length_a   36.458
_cell.length_b   58.264
_cell.length_c   38.374
_cell.angle_alpha   90.00
_cell.angle_beta   113.76
_cell.angle_gamma   90.00
#
_symmetry.space_group_name_H-M   'P 1 21 1'
#
loop_
_entity.id
_entity.type
_entity.pdbx_description
1 polymer '2-amino-4-hydroxy-6-hydroxymethyldihydropteridine pyrophosphokinase'
2 non-polymer 'DIPHOSPHOMETHYLPHOSPHONIC ACID ADENOSYL ESTER'
3 non-polymer 2-amino-8-{[2-(4-methoxyphenyl)-2-oxoethyl]sulfanyl}-1,9-dihydro-6H-purin-6-one
4 non-polymer 'MAGNESIUM ION'
5 non-polymer 'CHLORIDE ION'
6 water water
#
_entity_poly.entity_id   1
_entity_poly.type   'polypeptide(L)'
_entity_poly.pdbx_seq_one_letter_code
;GSHMTVAYIAIGSNLASPLEQVNAALKALGDIPESHILTVSSFYRTPPLGPQDQPDYLNAAVALETSLAPEELLNHTQRI
ELQQGRVRKAERWGPRTLDLDIMLFGNEVINTERLTVPHYDMKNRGFMLWPLFEIAPELVFPDGEMLRQILHTRAFDKLN
KW
;
_entity_poly.pdbx_strand_id   A
#
# COMPACT_ATOMS: atom_id res chain seq x y z
N MET A 4 -9.79 1.43 -17.98
CA MET A 4 -8.80 0.99 -16.99
C MET A 4 -8.21 2.18 -16.21
N THR A 5 -7.89 1.93 -14.94
CA THR A 5 -7.35 2.94 -14.06
CA THR A 5 -7.28 2.96 -14.13
C THR A 5 -6.17 2.33 -13.33
N VAL A 6 -5.18 3.13 -12.96
CA VAL A 6 -4.06 2.59 -12.21
C VAL A 6 -4.30 2.84 -10.74
N ALA A 7 -4.37 1.76 -9.98
CA ALA A 7 -4.44 1.83 -8.51
C ALA A 7 -3.07 1.62 -7.90
N TYR A 8 -2.81 2.29 -6.78
CA TYR A 8 -1.53 2.05 -6.10
C TYR A 8 -1.85 1.45 -4.76
N ILE A 9 -1.21 0.33 -4.47
CA ILE A 9 -1.49 -0.44 -3.26
C ILE A 9 -0.24 -0.48 -2.40
N ALA A 10 -0.41 -0.23 -1.11
CA ALA A 10 0.69 -0.39 -0.15
C ALA A 10 0.59 -1.78 0.45
N ILE A 11 1.75 -2.43 0.62
CA ILE A 11 1.80 -3.74 1.25
C ILE A 11 2.61 -3.60 2.52
N GLY A 12 2.14 -4.22 3.61
CA GLY A 12 2.93 -4.25 4.84
C GLY A 12 2.80 -5.62 5.49
N SER A 13 3.88 -6.04 6.15
CA SER A 13 3.84 -7.28 6.93
C SER A 13 4.90 -7.17 8.00
N ASN A 14 4.59 -7.66 9.20
CA ASN A 14 5.62 -7.79 10.24
C ASN A 14 5.52 -9.06 11.09
N LEU A 15 4.78 -10.05 10.59
CA LEU A 15 4.64 -11.34 11.30
C LEU A 15 4.75 -12.50 10.31
N ALA A 16 5.17 -13.67 10.81
CA ALA A 16 5.12 -14.93 10.05
C ALA A 16 5.94 -14.89 8.76
N SER A 17 7.20 -14.46 8.90
CA SER A 17 8.13 -14.29 7.77
C SER A 17 7.63 -13.27 6.74
N PRO A 18 7.81 -11.98 7.04
CA PRO A 18 7.29 -10.93 6.17
C PRO A 18 7.73 -11.07 4.69
N LEU A 19 8.95 -11.53 4.44
CA LEU A 19 9.37 -11.66 3.06
C LEU A 19 8.50 -12.69 2.32
N GLU A 20 8.21 -13.81 2.98
CA GLU A 20 7.34 -14.85 2.43
C GLU A 20 5.92 -14.34 2.22
N GLN A 21 5.41 -13.59 3.22
CA GLN A 21 4.09 -12.99 3.14
C GLN A 21 3.94 -12.02 1.98
N VAL A 22 4.93 -11.15 1.79
CA VAL A 22 4.85 -10.14 0.75
C VAL A 22 4.99 -10.80 -0.61
N ASN A 23 5.83 -11.84 -0.71
CA ASN A 23 5.92 -12.51 -1.99
C ASN A 23 4.60 -13.20 -2.39
N ALA A 24 3.96 -13.84 -1.41
CA ALA A 24 2.72 -14.56 -1.64
C ALA A 24 1.62 -13.58 -1.99
N ALA A 25 1.64 -12.43 -1.34
CA ALA A 25 0.68 -11.36 -1.63
C ALA A 25 0.83 -10.80 -3.04
N LEU A 26 2.07 -10.67 -3.50
CA LEU A 26 2.29 -10.19 -4.88
C LEU A 26 1.72 -11.17 -5.88
N LYS A 27 1.96 -12.47 -5.69
CA LYS A 27 1.40 -13.48 -6.59
C LYS A 27 -0.13 -13.43 -6.59
N ALA A 28 -0.72 -13.29 -5.41
CA ALA A 28 -2.18 -13.14 -5.29
C ALA A 28 -2.72 -11.87 -5.97
N LEU A 29 -2.02 -10.75 -5.84
CA LEU A 29 -2.42 -9.51 -6.52
C LEU A 29 -2.38 -9.71 -8.02
N GLY A 30 -1.45 -10.55 -8.48
CA GLY A 30 -1.32 -10.84 -9.91
C GLY A 30 -2.41 -11.74 -10.44
N ASP A 31 -3.19 -12.30 -9.51
CA ASP A 31 -4.30 -13.19 -9.89
C ASP A 31 -5.66 -12.50 -9.82
N ILE A 32 -5.68 -11.21 -9.46
CA ILE A 32 -6.94 -10.49 -9.35
C ILE A 32 -7.52 -10.31 -10.74
N PRO A 33 -8.82 -10.63 -10.92
CA PRO A 33 -9.45 -10.53 -12.25
C PRO A 33 -9.43 -9.10 -12.85
N GLU A 34 -9.37 -9.01 -14.17
CA GLU A 34 -9.42 -7.72 -14.86
C GLU A 34 -8.34 -6.73 -14.41
N SER A 35 -7.21 -7.26 -13.98
CA SER A 35 -6.14 -6.46 -13.39
C SER A 35 -4.76 -6.97 -13.85
N HIS A 36 -3.76 -6.09 -13.88
CA HIS A 36 -2.37 -6.49 -14.22
C HIS A 36 -1.45 -5.65 -13.36
N ILE A 37 -0.45 -6.27 -12.73
CA ILE A 37 0.59 -5.51 -12.03
C ILE A 37 1.45 -4.78 -13.05
N LEU A 38 1.69 -3.48 -12.81
CA LEU A 38 2.51 -2.68 -13.69
C LEU A 38 3.93 -2.50 -13.17
N THR A 39 4.07 -2.38 -11.85
CA THR A 39 5.34 -1.97 -11.26
C THR A 39 5.33 -2.38 -9.79
N VAL A 40 6.46 -2.87 -9.30
CA VAL A 40 6.61 -3.16 -7.87
C VAL A 40 7.84 -2.42 -7.34
N SER A 41 7.72 -1.80 -6.17
CA SER A 41 8.84 -1.09 -5.56
C SER A 41 9.87 -2.07 -5.02
N SER A 42 11.01 -1.55 -4.56
CA SER A 42 11.89 -2.30 -3.67
C SER A 42 11.17 -2.63 -2.35
N PHE A 43 11.72 -3.57 -1.59
CA PHE A 43 11.15 -3.93 -0.29
C PHE A 43 11.94 -3.20 0.78
N TYR A 44 11.26 -2.61 1.75
CA TYR A 44 11.93 -1.79 2.75
C TYR A 44 11.66 -2.30 4.14
N ARG A 45 12.66 -2.18 5.01
N ARG A 45 12.66 -2.16 5.00
CA ARG A 45 12.53 -2.54 6.42
CA ARG A 45 12.55 -2.54 6.41
C ARG A 45 12.30 -1.24 7.17
C ARG A 45 12.31 -1.24 7.19
N THR A 46 11.14 -1.14 7.80
CA THR A 46 10.72 0.14 8.37
C THR A 46 10.36 0.01 9.85
N PRO A 47 10.73 1.00 10.67
CA PRO A 47 10.34 0.88 12.07
C PRO A 47 8.85 1.15 12.21
N PRO A 48 8.22 0.50 13.22
CA PRO A 48 6.77 0.62 13.30
C PRO A 48 6.27 1.99 13.75
N LEU A 49 5.28 2.51 13.01
CA LEU A 49 4.47 3.65 13.44
C LEU A 49 3.27 3.16 14.24
N GLY A 50 2.87 3.92 15.25
CA GLY A 50 1.88 3.43 16.20
C GLY A 50 2.59 2.76 17.36
N PRO A 51 2.01 1.66 17.90
CA PRO A 51 2.73 0.92 18.96
C PRO A 51 4.08 0.49 18.45
N GLN A 52 5.08 0.63 19.31
CA GLN A 52 6.46 0.46 18.89
C GLN A 52 6.96 -0.86 19.40
N ASP A 53 6.15 -1.50 20.23
CA ASP A 53 6.54 -2.81 20.80
C ASP A 53 6.09 -3.93 19.87
N GLN A 54 6.63 -3.91 18.65
CA GLN A 54 6.31 -4.92 17.63
C GLN A 54 7.47 -4.95 16.64
N PRO A 55 7.57 -6.03 15.86
CA PRO A 55 8.69 -6.12 14.90
C PRO A 55 8.64 -5.05 13.81
N ASP A 56 9.80 -4.78 13.21
CA ASP A 56 9.86 -3.90 12.05
C ASP A 56 9.04 -4.47 10.88
N TYR A 57 8.50 -3.59 10.06
CA TYR A 57 7.70 -4.00 8.91
C TYR A 57 8.51 -4.19 7.64
N LEU A 58 8.02 -5.05 6.75
CA LEU A 58 8.48 -5.02 5.38
C LEU A 58 7.38 -4.19 4.70
N ASN A 59 7.76 -3.09 4.03
CA ASN A 59 6.79 -2.28 3.26
C ASN A 59 7.18 -2.19 1.79
N ALA A 60 6.17 -2.16 0.94
CA ALA A 60 6.36 -2.07 -0.49
C ALA A 60 5.12 -1.43 -1.11
N ALA A 61 5.23 -1.01 -2.36
CA ALA A 61 4.10 -0.41 -3.09
C ALA A 61 4.04 -1.08 -4.46
N VAL A 62 2.82 -1.20 -4.99
CA VAL A 62 2.62 -1.84 -6.28
C VAL A 62 1.67 -0.95 -7.08
N ALA A 63 1.91 -0.81 -8.38
CA ALA A 63 0.97 -0.13 -9.25
C ALA A 63 0.18 -1.25 -9.94
N LEU A 64 -1.15 -1.19 -9.89
CA LEU A 64 -2.00 -2.23 -10.49
C LEU A 64 -2.95 -1.59 -11.49
N GLU A 65 -2.87 -1.96 -12.76
CA GLU A 65 -3.86 -1.44 -13.70
C GLU A 65 -5.12 -2.33 -13.58
N THR A 66 -6.32 -1.73 -13.52
CA THR A 66 -7.53 -2.51 -13.34
C THR A 66 -8.79 -1.93 -13.99
N SER A 67 -9.72 -2.82 -14.36
CA SER A 67 -11.03 -2.42 -14.84
CA SER A 67 -11.04 -2.42 -14.86
C SER A 67 -12.10 -2.56 -13.76
N LEU A 68 -11.72 -3.17 -12.64
CA LEU A 68 -12.64 -3.38 -11.53
C LEU A 68 -13.11 -2.05 -10.93
N ALA A 69 -14.33 -2.02 -10.37
CA ALA A 69 -14.76 -0.89 -9.57
C ALA A 69 -13.92 -0.87 -8.29
N PRO A 70 -13.75 0.30 -7.67
CA PRO A 70 -12.95 0.44 -6.44
C PRO A 70 -13.32 -0.56 -5.34
N GLU A 71 -14.60 -0.68 -5.02
CA GLU A 71 -15.00 -1.63 -3.98
C GLU A 71 -14.81 -3.11 -4.38
N GLU A 72 -14.81 -3.39 -5.69
CA GLU A 72 -14.49 -4.73 -6.20
C GLU A 72 -13.01 -5.01 -5.99
N LEU A 73 -12.17 -4.01 -6.24
CA LEU A 73 -10.75 -4.19 -5.94
C LEU A 73 -10.55 -4.41 -4.44
N LEU A 74 -11.29 -3.69 -3.62
CA LEU A 74 -11.17 -3.84 -2.16
C LEU A 74 -11.58 -5.24 -1.72
N ASN A 75 -12.62 -5.78 -2.32
CA ASN A 75 -13.06 -7.13 -1.98
C ASN A 75 -11.93 -8.12 -2.16
N HIS A 76 -11.22 -8.00 -3.27
CA HIS A 76 -10.10 -8.88 -3.56
C HIS A 76 -8.88 -8.66 -2.68
N THR A 77 -8.58 -7.43 -2.30
CA THR A 77 -7.43 -7.21 -1.42
C THR A 77 -7.77 -7.74 -0.04
N GLN A 78 -9.01 -7.56 0.41
CA GLN A 78 -9.41 -8.08 1.73
C GLN A 78 -9.45 -9.61 1.75
N ARG A 79 -9.86 -10.19 0.64
CA ARG A 79 -9.81 -11.64 0.55
C ARG A 79 -8.37 -12.17 0.72
N ILE A 80 -7.40 -11.52 0.07
CA ILE A 80 -5.98 -11.92 0.14
C ILE A 80 -5.51 -11.81 1.59
N GLU A 81 -5.85 -10.70 2.25
CA GLU A 81 -5.55 -10.52 3.68
C GLU A 81 -6.13 -11.65 4.53
N LEU A 82 -7.39 -12.00 4.30
CA LEU A 82 -8.00 -13.08 5.09
C LEU A 82 -7.32 -14.43 4.87
N GLN A 83 -6.98 -14.72 3.62
CA GLN A 83 -6.35 -16.01 3.26
C GLN A 83 -4.94 -16.14 3.79
N GLN A 84 -4.28 -15.01 4.03
CA GLN A 84 -2.94 -14.97 4.63
C GLN A 84 -2.97 -14.70 6.14
N GLY A 85 -4.14 -14.81 6.75
CA GLY A 85 -4.21 -14.96 8.20
C GLY A 85 -4.52 -13.72 8.99
N ARG A 86 -4.86 -12.64 8.30
CA ARG A 86 -5.26 -11.38 8.96
C ARG A 86 -6.56 -11.60 9.75
N VAL A 87 -6.54 -11.15 11.00
CA VAL A 87 -7.67 -11.31 11.90
C VAL A 87 -7.82 -10.02 12.71
N ARG A 88 -9.05 -9.71 13.14
CA ARG A 88 -9.29 -8.51 13.94
C ARG A 88 -9.06 -8.75 15.43
N GLU A 91 -5.23 -5.32 19.68
CA GLU A 91 -5.11 -3.89 19.92
C GLU A 91 -5.26 -3.12 18.61
N ARG A 92 -5.32 -1.80 18.70
CA ARG A 92 -5.31 -0.94 17.54
C ARG A 92 -3.89 -0.90 16.98
N TRP A 93 -3.74 -1.00 15.65
CA TRP A 93 -2.45 -0.86 14.98
C TRP A 93 -1.38 -1.87 15.42
N GLY A 94 -1.82 -3.09 15.71
CA GLY A 94 -0.93 -4.16 16.14
C GLY A 94 -0.29 -4.90 14.97
N PRO A 95 0.60 -5.84 15.27
CA PRO A 95 1.34 -6.56 14.24
C PRO A 95 0.38 -7.39 13.40
N ARG A 96 0.75 -7.63 12.15
CA ARG A 96 -0.12 -8.37 11.22
C ARG A 96 0.68 -9.08 10.16
N THR A 97 0.12 -10.18 9.67
CA THR A 97 0.79 -10.99 8.68
C THR A 97 0.76 -10.31 7.32
N LEU A 98 -0.34 -9.64 6.98
CA LEU A 98 -0.42 -8.95 5.70
C LEU A 98 -1.44 -7.83 5.80
N ASP A 99 -1.07 -6.64 5.34
CA ASP A 99 -1.99 -5.51 5.27
C ASP A 99 -1.89 -5.01 3.84
N LEU A 100 -3.01 -4.87 3.14
CA LEU A 100 -3.04 -4.30 1.78
C LEU A 100 -3.92 -3.06 1.85
N ASP A 101 -3.35 -1.89 1.63
CA ASP A 101 -4.11 -0.65 1.69
C ASP A 101 -4.22 -0.09 0.28
N ILE A 102 -5.40 0.35 -0.11
CA ILE A 102 -5.46 1.04 -1.41
C ILE A 102 -5.09 2.51 -1.17
N MET A 103 -3.96 2.94 -1.71
CA MET A 103 -3.51 4.30 -1.46
C MET A 103 -4.24 5.25 -2.36
N LEU A 104 -4.28 4.92 -3.66
CA LEU A 104 -4.90 5.77 -4.67
C LEU A 104 -5.62 4.89 -5.69
N PHE A 105 -6.69 5.41 -6.28
CA PHE A 105 -7.36 4.68 -7.34
C PHE A 105 -7.52 5.74 -8.41
N GLY A 106 -6.51 5.82 -9.28
CA GLY A 106 -6.46 6.93 -10.24
C GLY A 106 -6.53 8.25 -9.49
N ASN A 107 -7.28 9.21 -10.03
CA ASN A 107 -7.53 10.49 -9.33
C ASN A 107 -8.86 10.51 -8.62
N GLU A 108 -9.42 9.35 -8.31
CA GLU A 108 -10.72 9.36 -7.66
C GLU A 108 -10.57 9.71 -6.19
N VAL A 109 -11.59 10.41 -5.69
CA VAL A 109 -11.75 10.62 -4.27
C VAL A 109 -12.98 9.82 -3.86
N ILE A 110 -12.82 8.94 -2.87
CA ILE A 110 -13.94 8.14 -2.38
C ILE A 110 -14.00 8.26 -0.88
N ASN A 111 -15.17 8.61 -0.36
CA ASN A 111 -15.32 8.78 1.08
C ASN A 111 -16.49 7.97 1.62
N THR A 112 -16.26 6.69 1.87
CA THR A 112 -17.26 5.82 2.48
C THR A 112 -16.63 5.13 3.69
N GLU A 113 -17.45 4.56 4.56
CA GLU A 113 -16.91 3.81 5.70
C GLU A 113 -16.03 2.67 5.21
N ARG A 114 -16.57 1.88 4.27
CA ARG A 114 -15.83 0.77 3.66
C ARG A 114 -14.54 1.21 2.98
N LEU A 115 -14.60 2.33 2.27
CA LEU A 115 -13.47 2.75 1.43
C LEU A 115 -13.25 4.27 1.47
N THR A 116 -12.06 4.68 1.86
CA THR A 116 -11.63 6.08 1.81
C THR A 116 -10.36 6.14 0.97
N VAL A 117 -10.44 6.86 -0.15
CA VAL A 117 -9.31 7.05 -1.08
C VAL A 117 -9.22 8.54 -1.44
N PRO A 118 -8.01 9.13 -1.45
CA PRO A 118 -6.69 8.59 -1.03
C PRO A 118 -6.71 8.10 0.40
N HIS A 119 -5.89 7.08 0.69
CA HIS A 119 -5.92 6.40 1.99
C HIS A 119 -5.75 7.45 3.06
N TYR A 120 -6.63 7.38 4.06
CA TYR A 120 -6.51 8.13 5.28
C TYR A 120 -5.06 8.18 5.76
N ASP A 121 -4.55 9.40 5.96
CA ASP A 121 -3.23 9.61 6.58
C ASP A 121 -2.02 9.30 5.71
N MET A 122 -2.19 8.91 4.45
CA MET A 122 -0.99 8.48 3.70
C MET A 122 0.08 9.58 3.52
N LYS A 123 -0.34 10.84 3.51
CA LYS A 123 0.60 11.94 3.31
C LYS A 123 1.50 12.17 4.53
N ASN A 124 1.24 11.43 5.60
CA ASN A 124 2.05 11.51 6.80
C ASN A 124 2.84 10.22 7.07
N ARG A 125 2.85 9.32 6.09
CA ARG A 125 3.48 8.00 6.29
C ARG A 125 4.60 7.77 5.35
N GLY A 126 5.82 7.93 5.82
CA GLY A 126 6.96 7.79 4.93
C GLY A 126 7.06 6.38 4.35
N PHE A 127 6.61 5.38 5.10
CA PHE A 127 6.69 3.99 4.62
C PHE A 127 5.76 3.72 3.46
N MET A 128 4.81 4.63 3.22
CA MET A 128 3.95 4.57 2.04
C MET A 128 4.47 5.47 0.91
N LEU A 129 4.87 6.70 1.26
CA LEU A 129 5.24 7.69 0.25
C LEU A 129 6.57 7.36 -0.45
N TRP A 130 7.56 6.90 0.30
CA TRP A 130 8.86 6.62 -0.35
C TRP A 130 8.81 5.47 -1.39
N PRO A 131 8.18 4.32 -1.07
CA PRO A 131 8.04 3.29 -2.10
C PRO A 131 7.18 3.76 -3.27
N LEU A 132 6.13 4.55 -2.99
CA LEU A 132 5.32 5.14 -4.04
C LEU A 132 6.15 6.03 -4.94
N PHE A 133 7.03 6.84 -4.35
CA PHE A 133 7.88 7.75 -5.14
C PHE A 133 8.88 7.00 -6.03
N GLU A 134 9.33 5.84 -5.54
CA GLU A 134 10.25 5.02 -6.32
C GLU A 134 9.56 4.57 -7.62
N ILE A 135 8.29 4.19 -7.52
CA ILE A 135 7.59 3.65 -8.70
C ILE A 135 6.78 4.66 -9.50
N ALA A 136 6.55 5.83 -8.94
CA ALA A 136 5.77 6.89 -9.58
C ALA A 136 6.25 8.28 -9.18
N PRO A 137 7.46 8.65 -9.59
CA PRO A 137 8.03 9.91 -9.11
C PRO A 137 7.26 11.16 -9.56
N GLU A 138 6.50 11.08 -10.65
CA GLU A 138 5.76 12.25 -11.12
C GLU A 138 4.31 12.28 -10.63
N LEU A 139 3.98 11.40 -9.70
CA LEU A 139 2.61 11.29 -9.20
C LEU A 139 2.03 12.60 -8.67
N VAL A 140 0.80 12.90 -9.08
CA VAL A 140 0.03 14.03 -8.55
C VAL A 140 -1.22 13.51 -7.87
N PHE A 141 -1.47 13.96 -6.63
CA PHE A 141 -2.68 13.57 -5.92
C PHE A 141 -3.98 14.19 -6.51
N PRO A 142 -5.15 13.64 -6.14
CA PRO A 142 -6.42 14.23 -6.61
C PRO A 142 -6.58 15.72 -6.28
N ASP A 143 -5.99 16.21 -5.18
CA ASP A 143 -6.08 17.65 -4.85
C ASP A 143 -5.00 18.51 -5.50
N GLY A 144 -4.26 17.93 -6.45
CA GLY A 144 -3.25 18.71 -7.14
C GLY A 144 -1.87 18.72 -6.47
N GLU A 145 -1.75 18.17 -5.26
CA GLU A 145 -0.45 18.12 -4.58
C GLU A 145 0.48 17.11 -5.26
N MET A 146 1.72 17.50 -5.51
CA MET A 146 2.67 16.56 -6.13
C MET A 146 3.41 15.75 -5.07
N LEU A 147 3.51 14.43 -5.27
CA LEU A 147 4.22 13.53 -4.34
C LEU A 147 5.61 14.07 -4.06
N ARG A 148 6.31 14.51 -5.10
CA ARG A 148 7.62 15.12 -4.96
C ARG A 148 7.65 16.31 -3.98
N GLN A 149 6.63 17.17 -4.03
CA GLN A 149 6.62 18.33 -3.14
C GLN A 149 6.39 17.94 -1.70
N ILE A 150 5.54 16.92 -1.46
CA ILE A 150 5.31 16.43 -0.10
C ILE A 150 6.59 15.89 0.53
N LEU A 151 7.33 15.09 -0.23
CA LEU A 151 8.58 14.52 0.27
C LEU A 151 9.65 15.58 0.40
N HIS A 152 9.60 16.58 -0.47
CA HIS A 152 10.60 17.65 -0.41
C HIS A 152 10.37 18.56 0.78
N THR A 153 9.11 18.70 1.20
CA THR A 153 8.77 19.72 2.21
C THR A 153 8.59 19.13 3.60
N ARG A 154 8.30 17.84 3.69
CA ARG A 154 8.09 17.22 5.00
C ARG A 154 9.31 16.39 5.40
N ALA A 155 9.54 16.29 6.72
CA ALA A 155 10.67 15.54 7.25
C ALA A 155 10.42 14.03 7.30
N PHE A 156 10.63 13.34 6.18
CA PHE A 156 10.53 11.88 6.15
C PHE A 156 11.88 11.24 5.91
N ASP A 157 12.37 10.52 6.91
CA ASP A 157 13.60 9.72 6.76
C ASP A 157 13.49 8.76 5.58
N LYS A 158 14.55 8.68 4.78
CA LYS A 158 14.65 7.63 3.75
C LYS A 158 14.62 6.26 4.42
N LEU A 159 14.17 5.25 3.68
CA LEU A 159 13.96 3.93 4.25
C LEU A 159 15.16 3.05 3.96
N ASN A 160 15.37 2.04 4.81
CA ASN A 160 16.42 1.07 4.52
C ASN A 160 15.84 -0.13 3.79
N LYS A 161 16.58 -0.72 2.85
CA LYS A 161 16.04 -1.84 2.10
C LYS A 161 15.97 -3.09 2.98
N TRP A 162 15.02 -3.95 2.68
CA TRP A 162 14.84 -5.17 3.46
C TRP A 162 15.99 -6.12 3.16
#